data_6HAZ
#
_entry.id   6HAZ
#
_cell.length_a   42.549
_cell.length_b   42.549
_cell.length_c   164.230
_cell.angle_alpha   90.000
_cell.angle_beta   90.000
_cell.angle_gamma   90.000
#
_symmetry.space_group_name_H-M   'P 41'
#
loop_
_entity.id
_entity.type
_entity.pdbx_description
1 polymer 'Probable global transcription activator SNF2L2'
2 non-polymer 2-(6-azanyl-5-piperazin-4-ium-1-yl-pyridazin-3-yl)phenol
3 non-polymer 'ZINC ION'
4 water water
#
_entity_poly.entity_id   1
_entity_poly.type   'polypeptide(L)'
_entity_poly.pdbx_seq_one_letter_code
;SMAEKLSPNPPKLTKQMNAIIDTVINYKDSSGRQLSEVFIQLPSRKELPEYYELIRKPVDFKKIKERIRNHKYRSLGDLE
KDVMLLCHNAQTFNLEGSQIYEDSIVLQSVFKSARQKIAKEEE
;
_entity_poly.pdbx_strand_id   A,B
#
# COMPACT_ATOMS: atom_id res chain seq x y z
N PRO A 8 -9.50 -8.11 -27.28
CA PRO A 8 -8.54 -7.12 -26.78
C PRO A 8 -8.75 -5.75 -27.41
N ASN A 9 -8.17 -4.72 -26.80
CA ASN A 9 -8.28 -3.36 -27.35
C ASN A 9 -7.26 -3.18 -28.46
N PRO A 10 -7.47 -2.20 -29.35
CA PRO A 10 -6.43 -1.86 -30.34
C PRO A 10 -5.11 -1.43 -29.66
N PRO A 11 -3.90 -1.83 -30.15
CA PRO A 11 -2.65 -1.45 -29.47
C PRO A 11 -2.47 0.02 -29.11
N LYS A 12 -2.85 0.95 -30.01
CA LYS A 12 -2.66 2.39 -29.72
C LYS A 12 -3.57 2.88 -28.60
N LEU A 13 -4.73 2.26 -28.38
CA LEU A 13 -5.62 2.66 -27.29
C LEU A 13 -4.96 2.29 -25.96
N THR A 14 -4.46 1.05 -25.84
CA THR A 14 -3.73 0.61 -24.65
C THR A 14 -2.50 1.50 -24.41
N LYS A 15 -1.78 1.87 -25.51
CA LYS A 15 -0.60 2.77 -25.43
C LYS A 15 -1.01 4.13 -24.87
N GLN A 16 -2.13 4.70 -25.38
CA GLN A 16 -2.62 6.00 -24.89
C GLN A 16 -3.00 5.91 -23.41
N MET A 17 -3.67 4.82 -22.99
CA MET A 17 -4.06 4.67 -21.58
C MET A 17 -2.84 4.59 -20.69
N ASN A 18 -1.81 3.81 -21.10
CA ASN A 18 -0.59 3.67 -20.31
C ASN A 18 0.18 4.99 -20.26
N ALA A 19 0.22 5.73 -21.39
CA ALA A 19 0.92 7.04 -21.40
C ALA A 19 0.23 8.03 -20.45
N ILE A 20 -1.11 8.06 -20.47
CA ILE A 20 -1.87 8.96 -19.58
C ILE A 20 -1.68 8.57 -18.12
N ILE A 21 -1.87 7.28 -17.80
CA ILE A 21 -1.75 6.86 -16.41
C ILE A 21 -0.30 6.99 -15.90
N ASP A 22 0.70 6.77 -16.77
CA ASP A 22 2.08 6.94 -16.35
C ASP A 22 2.35 8.42 -16.05
N THR A 23 1.73 9.34 -16.82
CA THR A 23 1.92 10.79 -16.54
C THR A 23 1.34 11.13 -15.17
N VAL A 24 0.17 10.57 -14.86
CA VAL A 24 -0.45 10.83 -13.55
C VAL A 24 0.40 10.24 -12.43
N ILE A 25 0.77 8.98 -12.57
CA ILE A 25 1.54 8.33 -11.52
C ILE A 25 2.92 8.98 -11.32
N ASN A 26 3.61 9.40 -12.41
CA ASN A 26 4.95 9.95 -12.26
C ASN A 26 4.97 11.42 -11.85
N TYR A 27 3.82 12.11 -11.94
CA TYR A 27 3.80 13.54 -11.65
C TYR A 27 4.37 13.92 -10.29
N LYS A 28 5.23 14.94 -10.28
CA LYS A 28 5.79 15.49 -9.05
C LYS A 28 5.40 16.92 -8.92
N ASP A 29 5.12 17.37 -7.69
CA ASP A 29 4.82 18.80 -7.50
C ASP A 29 6.17 19.57 -7.52
N SER A 30 6.12 20.89 -7.26
CA SER A 30 7.36 21.69 -7.31
C SER A 30 8.37 21.37 -6.19
N SER A 31 7.93 20.66 -5.13
CA SER A 31 8.82 20.22 -4.05
C SER A 31 9.41 18.83 -4.34
N GLY A 32 9.19 18.29 -5.54
CA GLY A 32 9.72 16.99 -5.95
C GLY A 32 8.93 15.82 -5.38
N ARG A 33 7.70 16.06 -4.84
CA ARG A 33 6.95 14.95 -4.23
C ARG A 33 6.07 14.29 -5.26
N GLN A 34 6.14 12.94 -5.35
CA GLN A 34 5.29 12.21 -6.30
C GLN A 34 3.91 12.08 -5.63
N LEU A 35 2.95 12.86 -6.12
CA LEU A 35 1.63 12.94 -5.49
C LEU A 35 0.87 11.61 -5.47
N SER A 36 1.13 10.74 -6.45
CA SER A 36 0.40 9.47 -6.53
C SER A 36 0.79 8.46 -5.46
N GLU A 37 1.86 8.69 -4.70
CA GLU A 37 2.43 7.65 -3.80
C GLU A 37 1.39 6.95 -2.96
N VAL A 38 0.58 7.75 -2.24
CA VAL A 38 -0.40 7.15 -1.32
C VAL A 38 -1.52 6.40 -2.04
N PHE A 39 -1.70 6.68 -3.32
CA PHE A 39 -2.81 6.13 -4.09
C PHE A 39 -2.49 4.90 -4.89
N ILE A 40 -1.22 4.45 -4.87
CA ILE A 40 -0.88 3.29 -5.67
C ILE A 40 -1.58 2.04 -5.19
N GLN A 41 -1.59 1.81 -3.85
CA GLN A 41 -2.15 0.59 -3.26
C GLN A 41 -2.95 0.98 -2.05
N LEU A 42 -4.25 0.73 -2.07
CA LEU A 42 -5.05 1.01 -0.90
C LEU A 42 -4.51 0.30 0.35
N PRO A 43 -4.66 0.89 1.57
CA PRO A 43 -4.45 0.10 2.79
C PRO A 43 -5.45 -1.07 2.76
N SER A 44 -5.11 -2.21 3.33
CA SER A 44 -6.04 -3.32 3.31
C SER A 44 -7.21 -3.11 4.28
N ARG A 45 -8.21 -3.99 4.22
CA ARG A 45 -9.34 -3.94 5.13
C ARG A 45 -8.89 -4.12 6.60
N LYS A 46 -7.77 -4.84 6.84
CA LYS A 46 -7.27 -5.03 8.19
C LYS A 46 -6.62 -3.75 8.68
N GLU A 47 -5.87 -3.05 7.81
CA GLU A 47 -5.19 -1.84 8.21
C GLU A 47 -6.14 -0.67 8.45
N LEU A 48 -7.13 -0.47 7.56
CA LEU A 48 -8.00 0.70 7.63
C LEU A 48 -9.46 0.29 7.34
N PRO A 49 -10.05 -0.47 8.25
CA PRO A 49 -11.43 -0.94 8.00
C PRO A 49 -12.41 0.20 7.81
N GLU A 50 -12.18 1.37 8.46
CA GLU A 50 -13.10 2.53 8.30
C GLU A 50 -13.23 2.97 6.85
N TYR A 51 -12.16 2.83 6.06
CA TYR A 51 -12.24 3.25 4.65
C TYR A 51 -13.28 2.44 3.89
N TYR A 52 -13.32 1.14 4.14
CA TYR A 52 -14.22 0.25 3.43
C TYR A 52 -15.66 0.38 3.95
N GLU A 53 -15.83 0.89 5.17
CA GLU A 53 -17.18 1.15 5.71
C GLU A 53 -17.78 2.36 5.01
N LEU A 54 -16.93 3.37 4.68
CA LEU A 54 -17.42 4.59 4.08
C LEU A 54 -17.41 4.62 2.56
N ILE A 55 -16.48 3.93 1.93
CA ILE A 55 -16.27 4.00 0.47
C ILE A 55 -16.84 2.73 -0.16
N ARG A 56 -17.91 2.88 -0.94
CA ARG A 56 -18.59 1.71 -1.55
C ARG A 56 -17.81 1.06 -2.70
N LYS A 57 -17.02 1.84 -3.47
CA LYS A 57 -16.32 1.32 -4.64
C LYS A 57 -14.83 1.70 -4.54
N PRO A 58 -14.07 1.03 -3.65
CA PRO A 58 -12.64 1.35 -3.55
C PRO A 58 -11.87 1.01 -4.83
N VAL A 59 -10.87 1.84 -5.12
CA VAL A 59 -10.02 1.62 -6.27
C VAL A 59 -8.68 2.29 -6.01
N ASP A 60 -7.63 1.76 -6.60
CA ASP A 60 -6.29 2.35 -6.51
C ASP A 60 -5.60 2.31 -7.87
N PHE A 61 -4.42 2.92 -8.01
CA PHE A 61 -3.78 2.92 -9.34
C PHE A 61 -3.32 1.53 -9.78
N LYS A 62 -3.02 0.63 -8.81
CA LYS A 62 -2.66 -0.76 -9.13
C LYS A 62 -3.86 -1.39 -9.85
N LYS A 63 -5.08 -1.14 -9.35
CA LYS A 63 -6.28 -1.72 -10.00
C LYS A 63 -6.50 -1.10 -11.40
N ILE A 64 -6.27 0.21 -11.52
CA ILE A 64 -6.46 0.89 -12.80
C ILE A 64 -5.47 0.34 -13.84
N LYS A 65 -4.20 0.15 -13.47
CA LYS A 65 -3.22 -0.41 -14.41
C LYS A 65 -3.61 -1.85 -14.81
N GLU A 66 -4.16 -2.62 -13.85
CA GLU A 66 -4.64 -4.00 -14.11
C GLU A 66 -5.76 -3.94 -15.16
N ARG A 67 -6.70 -2.98 -15.00
CA ARG A 67 -7.83 -2.84 -15.91
C ARG A 67 -7.39 -2.40 -17.33
N ILE A 68 -6.27 -1.68 -17.45
CA ILE A 68 -5.74 -1.35 -18.78
C ILE A 68 -5.14 -2.62 -19.36
N ARG A 69 -4.31 -3.35 -18.58
CA ARG A 69 -3.67 -4.62 -19.00
C ARG A 69 -4.69 -5.65 -19.49
N ASN A 70 -5.80 -5.80 -18.72
CA ASN A 70 -6.86 -6.77 -19.02
C ASN A 70 -7.92 -6.27 -20.01
N HIS A 71 -7.74 -5.06 -20.59
CA HIS A 71 -8.64 -4.47 -21.59
C HIS A 71 -10.06 -4.29 -21.05
N LYS A 72 -10.20 -3.97 -19.75
CA LYS A 72 -11.52 -3.79 -19.12
C LYS A 72 -12.09 -2.43 -19.54
N TYR A 73 -11.21 -1.43 -19.69
CA TYR A 73 -11.63 -0.12 -20.19
C TYR A 73 -11.68 -0.23 -21.70
N ARG A 74 -12.75 0.22 -22.32
CA ARG A 74 -12.91 0.14 -23.78
C ARG A 74 -12.71 1.50 -24.43
N SER A 75 -12.41 2.54 -23.62
CA SER A 75 -12.21 3.88 -24.13
C SER A 75 -11.47 4.69 -23.08
N LEU A 76 -11.07 5.90 -23.46
CA LEU A 76 -10.43 6.82 -22.49
C LEU A 76 -11.46 7.34 -21.47
N GLY A 77 -12.73 7.44 -21.88
CA GLY A 77 -13.82 7.80 -20.98
C GLY A 77 -13.98 6.79 -19.84
N ASP A 78 -13.86 5.47 -20.13
CA ASP A 78 -13.94 4.43 -19.11
C ASP A 78 -12.78 4.58 -18.12
N LEU A 79 -11.57 4.85 -18.66
CA LEU A 79 -10.40 5.06 -17.83
C LEU A 79 -10.62 6.28 -16.92
N GLU A 80 -11.08 7.40 -17.50
CA GLU A 80 -11.31 8.63 -16.72
C GLU A 80 -12.28 8.38 -15.55
N LYS A 81 -13.34 7.62 -15.79
CA LYS A 81 -14.31 7.35 -14.74
C LYS A 81 -13.65 6.72 -13.51
N ASP A 82 -12.71 5.76 -13.71
CA ASP A 82 -12.05 5.13 -12.55
C ASP A 82 -11.04 6.06 -11.90
N VAL A 83 -10.34 6.89 -12.67
CA VAL A 83 -9.40 7.83 -12.05
C VAL A 83 -10.18 8.86 -11.25
N MET A 84 -11.33 9.36 -11.80
CA MET A 84 -12.15 10.31 -11.04
C MET A 84 -12.67 9.65 -9.78
N LEU A 85 -13.08 8.37 -9.84
CA LEU A 85 -13.57 7.63 -8.68
C LEU A 85 -12.52 7.55 -7.59
N LEU A 86 -11.28 7.22 -7.98
CA LEU A 86 -10.20 7.11 -7.01
C LEU A 86 -10.06 8.44 -6.27
N CYS A 87 -10.01 9.55 -7.02
CA CYS A 87 -9.79 10.84 -6.40
C CYS A 87 -11.00 11.31 -5.59
N HIS A 88 -12.18 11.05 -6.12
CA HIS A 88 -13.41 11.42 -5.40
C HIS A 88 -13.50 10.61 -4.11
N ASN A 89 -13.10 9.32 -4.14
CA ASN A 89 -13.09 8.51 -2.91
C ASN A 89 -12.12 9.12 -1.87
N ALA A 90 -10.93 9.53 -2.33
CA ALA A 90 -9.96 10.17 -1.42
C ALA A 90 -10.57 11.44 -0.83
N GLN A 91 -11.27 12.24 -1.65
CA GLN A 91 -11.88 13.46 -1.13
C GLN A 91 -13.02 13.14 -0.16
N THR A 92 -13.74 12.01 -0.39
CA THR A 92 -14.84 11.67 0.52
C THR A 92 -14.30 11.23 1.88
N PHE A 93 -13.26 10.39 1.89
CA PHE A 93 -12.75 9.86 3.17
C PHE A 93 -11.98 10.90 4.00
N ASN A 94 -11.24 11.79 3.32
CA ASN A 94 -10.35 12.71 3.99
C ASN A 94 -10.97 14.06 4.23
N LEU A 95 -10.41 14.79 5.20
CA LEU A 95 -10.91 16.12 5.48
C LEU A 95 -10.42 17.13 4.44
N GLU A 96 -11.30 18.07 4.12
CA GLU A 96 -10.95 19.15 3.21
C GLU A 96 -9.72 19.88 3.76
N GLY A 97 -8.76 20.16 2.89
CA GLY A 97 -7.53 20.82 3.34
C GLY A 97 -6.44 19.89 3.78
N SER A 98 -6.72 18.59 3.97
CA SER A 98 -5.65 17.63 4.30
C SER A 98 -4.79 17.39 3.05
N GLN A 99 -3.56 16.89 3.22
CA GLN A 99 -2.66 16.72 2.10
C GLN A 99 -3.26 15.70 1.14
N ILE A 100 -3.78 14.57 1.64
CA ILE A 100 -4.27 13.54 0.74
C ILE A 100 -5.46 14.07 -0.07
N TYR A 101 -6.37 14.80 0.60
CA TYR A 101 -7.51 15.41 -0.08
C TYR A 101 -7.03 16.36 -1.17
N GLU A 102 -6.09 17.26 -0.85
CA GLU A 102 -5.63 18.23 -1.86
C GLU A 102 -4.83 17.57 -2.97
N ASP A 103 -4.01 16.55 -2.66
CA ASP A 103 -3.25 15.87 -3.72
C ASP A 103 -4.21 15.23 -4.72
N SER A 104 -5.32 14.64 -4.22
CA SER A 104 -6.28 13.97 -5.13
C SER A 104 -6.92 14.96 -6.13
N ILE A 105 -7.12 16.23 -5.71
CA ILE A 105 -7.67 17.24 -6.62
C ILE A 105 -6.63 17.54 -7.69
N VAL A 106 -5.35 17.68 -7.28
CA VAL A 106 -4.31 17.97 -8.28
C VAL A 106 -4.24 16.81 -9.28
N LEU A 107 -4.28 15.55 -8.82
CA LEU A 107 -4.22 14.43 -9.77
C LEU A 107 -5.38 14.39 -10.76
N GLN A 108 -6.59 14.90 -10.36
CA GLN A 108 -7.66 14.96 -11.37
C GLN A 108 -7.28 15.95 -12.49
N SER A 109 -6.64 17.06 -12.15
CA SER A 109 -6.19 18.01 -13.18
C SER A 109 -5.10 17.38 -14.06
N VAL A 110 -4.14 16.66 -13.42
CA VAL A 110 -3.04 16.04 -14.17
C VAL A 110 -3.64 15.01 -15.14
N PHE A 111 -4.60 14.21 -14.68
CA PHE A 111 -5.23 13.26 -15.61
C PHE A 111 -5.86 13.99 -16.77
N LYS A 112 -6.69 15.00 -16.49
CA LYS A 112 -7.42 15.67 -17.58
C LYS A 112 -6.50 16.34 -18.57
N SER A 113 -5.44 16.99 -18.09
CA SER A 113 -4.52 17.62 -19.04
C SER A 113 -3.68 16.59 -19.83
N ALA A 114 -3.31 15.47 -19.21
CA ALA A 114 -2.54 14.41 -19.87
C ALA A 114 -3.39 13.77 -20.97
N ARG A 115 -4.68 13.53 -20.67
CA ARG A 115 -5.59 12.96 -21.67
C ARG A 115 -5.68 13.92 -22.88
N GLN A 116 -5.85 15.23 -22.61
CA GLN A 116 -5.94 16.23 -23.70
C GLN A 116 -4.65 16.28 -24.54
N LYS A 117 -3.46 16.20 -23.91
CA LYS A 117 -2.21 16.22 -24.68
C LYS A 117 -2.06 14.96 -25.53
N ILE A 118 -2.06 13.79 -24.86
CA ILE A 118 -1.79 12.49 -25.47
C ILE A 118 -2.84 12.05 -26.50
N ALA A 119 -4.13 12.25 -26.23
CA ALA A 119 -5.20 11.76 -27.12
C ALA A 119 -5.86 12.82 -28.01
N LYS A 120 -5.97 14.08 -27.56
CA LYS A 120 -6.60 15.15 -28.36
C LYS A 120 -5.57 16.18 -28.79
N PRO B 8 15.36 3.77 28.43
CA PRO B 8 14.80 2.48 28.00
C PRO B 8 13.31 2.36 28.30
N ASN B 9 12.64 1.41 27.67
CA ASN B 9 11.23 1.19 27.92
C ASN B 9 11.04 0.38 29.19
N PRO B 10 9.85 0.43 29.82
CA PRO B 10 9.57 -0.47 30.96
C PRO B 10 9.68 -1.95 30.55
N PRO B 11 10.26 -2.85 31.38
CA PRO B 11 10.40 -4.27 30.97
C PRO B 11 9.16 -4.97 30.40
N LYS B 12 7.97 -4.75 31.00
CA LYS B 12 6.75 -5.41 30.51
C LYS B 12 6.31 -4.92 29.13
N LEU B 13 6.65 -3.66 28.75
CA LEU B 13 6.29 -3.16 27.42
C LEU B 13 7.14 -3.90 26.38
N THR B 14 8.47 -4.01 26.62
CA THR B 14 9.37 -4.77 25.74
C THR B 14 8.91 -6.23 25.65
N LYS B 15 8.50 -6.83 26.80
CA LYS B 15 7.99 -8.22 26.85
C LYS B 15 6.74 -8.35 25.97
N GLN B 16 5.79 -7.40 26.08
CA GLN B 16 4.57 -7.44 25.27
C GLN B 16 4.91 -7.32 23.78
N MET B 17 5.85 -6.43 23.42
CA MET B 17 6.23 -6.27 22.01
C MET B 17 6.85 -7.54 21.47
N ASN B 18 7.75 -8.18 22.24
CA ASN B 18 8.39 -9.43 21.81
C ASN B 18 7.38 -10.56 21.72
N ALA B 19 6.43 -10.64 22.67
CA ALA B 19 5.39 -11.69 22.62
C ALA B 19 4.51 -11.53 21.36
N ILE B 20 4.12 -10.28 21.04
CA ILE B 20 3.30 -10.01 19.86
C ILE B 20 4.07 -10.34 18.58
N ILE B 21 5.29 -9.81 18.46
CA ILE B 21 6.06 -10.04 17.24
C ILE B 21 6.45 -11.52 17.09
N ASP B 22 6.70 -12.22 18.19
CA ASP B 22 7.02 -13.66 18.10
C ASP B 22 5.78 -14.42 17.63
N THR B 23 4.56 -13.99 18.03
CA THR B 23 3.33 -14.66 17.56
C THR B 23 3.20 -14.48 16.05
N VAL B 24 3.48 -13.27 15.55
CA VAL B 24 3.39 -13.00 14.13
C VAL B 24 4.44 -13.81 13.37
N ILE B 25 5.68 -13.74 13.82
CA ILE B 25 6.75 -14.45 13.12
C ILE B 25 6.55 -15.98 13.16
N ASN B 26 6.08 -16.56 14.29
CA ASN B 26 5.95 -18.01 14.35
C ASN B 26 4.69 -18.55 13.71
N TYR B 27 3.72 -17.68 13.38
CA TYR B 27 2.44 -18.15 12.86
C TYR B 27 2.58 -19.05 11.63
N LYS B 28 1.85 -20.18 11.65
CA LYS B 28 1.78 -21.09 10.51
C LYS B 28 0.38 -21.19 10.03
N ASP B 29 0.18 -21.29 8.71
CA ASP B 29 -1.18 -21.49 8.20
C ASP B 29 -1.55 -22.98 8.40
N SER B 30 -2.72 -23.40 7.91
CA SER B 30 -3.15 -24.79 8.11
C SER B 30 -2.32 -25.83 7.35
N SER B 31 -1.50 -25.39 6.36
CA SER B 31 -0.59 -26.28 5.62
C SER B 31 0.79 -26.35 6.29
N GLY B 32 0.94 -25.75 7.48
CA GLY B 32 2.18 -25.77 8.23
C GLY B 32 3.22 -24.78 7.73
N ARG B 33 2.80 -23.80 6.85
CA ARG B 33 3.78 -22.87 6.30
C ARG B 33 3.91 -21.66 7.19
N GLN B 34 5.16 -21.28 7.53
CA GLN B 34 5.40 -20.09 8.36
C GLN B 34 5.31 -18.88 7.41
N LEU B 35 4.21 -18.14 7.50
CA LEU B 35 3.95 -17.04 6.55
C LEU B 35 4.98 -15.92 6.61
N SER B 36 5.63 -15.72 7.75
CA SER B 36 6.60 -14.63 7.88
C SER B 36 7.91 -14.87 7.14
N GLU B 37 8.14 -16.08 6.66
CA GLU B 37 9.48 -16.43 6.12
C GLU B 37 10.06 -15.43 5.16
N VAL B 38 9.29 -15.04 4.13
CA VAL B 38 9.87 -14.11 3.13
C VAL B 38 10.07 -12.71 3.69
N PHE B 39 9.43 -12.39 4.81
CA PHE B 39 9.46 -11.03 5.37
C PHE B 39 10.49 -10.80 6.44
N ILE B 40 11.25 -11.85 6.81
CA ILE B 40 12.24 -11.67 7.86
C ILE B 40 13.34 -10.71 7.44
N GLN B 41 13.87 -10.88 6.21
CA GLN B 41 15.01 -10.07 5.73
C GLN B 41 14.72 -9.67 4.31
N LEU B 42 14.61 -8.36 4.06
CA LEU B 42 14.42 -7.92 2.69
C LEU B 42 15.54 -8.43 1.78
N PRO B 43 15.24 -8.68 0.47
CA PRO B 43 16.34 -8.86 -0.50
C PRO B 43 17.15 -7.54 -0.51
N SER B 44 18.44 -7.61 -0.77
CA SER B 44 19.23 -6.39 -0.77
C SER B 44 18.96 -5.54 -2.02
N ARG B 45 19.49 -4.32 -2.04
CA ARG B 45 19.36 -3.45 -3.20
C ARG B 45 20.01 -4.08 -4.47
N LYS B 46 21.03 -4.95 -4.29
CA LYS B 46 21.68 -5.59 -5.42
C LYS B 46 20.78 -6.70 -5.95
N GLU B 47 20.11 -7.44 -5.07
CA GLU B 47 19.27 -8.53 -5.50
C GLU B 47 17.97 -8.06 -6.17
N LEU B 48 17.32 -7.03 -5.60
CA LEU B 48 16.00 -6.61 -6.09
C LEU B 48 15.93 -5.08 -6.10
N PRO B 49 16.71 -4.42 -6.98
CA PRO B 49 16.71 -2.96 -6.99
C PRO B 49 15.34 -2.37 -7.26
N GLU B 50 14.47 -3.06 -8.04
CA GLU B 50 13.12 -2.51 -8.32
C GLU B 50 12.32 -2.27 -7.03
N TYR B 51 12.53 -3.09 -5.99
CA TYR B 51 11.78 -2.91 -4.75
C TYR B 51 12.07 -1.54 -4.12
N TYR B 52 13.34 -1.15 -4.13
CA TYR B 52 13.74 0.10 -3.53
C TYR B 52 13.37 1.31 -4.39
N GLU B 53 13.15 1.09 -5.70
CA GLU B 53 12.68 2.17 -6.57
C GLU B 53 11.22 2.47 -6.27
N LEU B 54 10.44 1.43 -5.93
CA LEU B 54 9.01 1.63 -5.70
C LEU B 54 8.61 1.87 -4.25
N ILE B 55 9.36 1.32 -3.30
CA ILE B 55 8.98 1.37 -1.87
C ILE B 55 9.88 2.40 -1.17
N ARG B 56 9.28 3.50 -0.72
CA ARG B 56 10.03 4.60 -0.10
C ARG B 56 10.56 4.29 1.30
N LYS B 57 9.86 3.43 2.09
CA LYS B 57 10.26 3.17 3.46
C LYS B 57 10.30 1.65 3.66
N PRO B 58 11.35 0.99 3.14
CA PRO B 58 11.46 -0.46 3.34
C PRO B 58 11.64 -0.84 4.80
N VAL B 59 11.08 -1.99 5.16
CA VAL B 59 11.22 -2.52 6.50
C VAL B 59 11.03 -4.02 6.45
N ASP B 60 11.65 -4.73 7.37
CA ASP B 60 11.48 -6.17 7.50
C ASP B 60 11.37 -6.56 8.99
N PHE B 61 11.07 -7.83 9.29
CA PHE B 61 10.92 -8.20 10.71
C PHE B 61 12.23 -8.11 11.49
N LYS B 62 13.39 -8.28 10.80
CA LYS B 62 14.70 -8.12 11.45
C LYS B 62 14.79 -6.67 11.96
N LYS B 63 14.35 -5.70 11.14
CA LYS B 63 14.44 -4.28 11.58
C LYS B 63 13.45 -4.02 12.74
N ILE B 64 12.25 -4.62 12.66
CA ILE B 64 11.27 -4.43 13.72
C ILE B 64 11.78 -4.99 15.05
N LYS B 65 12.40 -6.19 15.04
CA LYS B 65 12.94 -6.75 16.28
C LYS B 65 14.08 -5.87 16.82
N GLU B 66 14.90 -5.30 15.92
CA GLU B 66 15.97 -4.37 16.31
C GLU B 66 15.35 -3.15 17.03
N ARG B 67 14.27 -2.60 16.45
CA ARG B 67 13.61 -1.42 17.03
C ARG B 67 12.98 -1.71 18.39
N ILE B 68 12.58 -2.96 18.67
CA ILE B 68 12.08 -3.33 20.00
C ILE B 68 13.29 -3.38 20.93
N ARG B 69 14.38 -4.09 20.52
CA ARG B 69 15.63 -4.21 21.32
C ARG B 69 16.20 -2.83 21.70
N ASN B 70 16.23 -1.90 20.73
CA ASN B 70 16.79 -0.55 20.94
C ASN B 70 15.78 0.46 21.53
N HIS B 71 14.56 0.02 21.91
CA HIS B 71 13.52 0.85 22.52
C HIS B 71 13.11 2.02 21.62
N LYS B 72 13.13 1.81 20.29
CA LYS B 72 12.75 2.86 19.33
C LYS B 72 11.22 3.06 19.36
N TYR B 73 10.48 1.97 19.55
CA TYR B 73 9.03 2.03 19.69
C TYR B 73 8.75 2.38 21.15
N ARG B 74 7.89 3.36 21.37
CA ARG B 74 7.54 3.82 22.72
C ARG B 74 6.20 3.28 23.17
N SER B 75 5.51 2.55 22.29
CA SER B 75 4.19 2.03 22.59
C SER B 75 3.88 0.91 21.63
N LEU B 76 2.76 0.21 21.87
CA LEU B 76 2.31 -0.84 20.93
C LEU B 76 1.80 -0.22 19.61
N GLY B 77 1.27 1.01 19.67
CA GLY B 77 0.87 1.75 18.49
C GLY B 77 2.04 2.00 17.54
N ASP B 78 3.23 2.36 18.09
CA ASP B 78 4.45 2.57 17.28
C ASP B 78 4.85 1.26 16.60
N LEU B 79 4.78 0.16 17.35
CA LEU B 79 5.10 -1.17 16.81
C LEU B 79 4.13 -1.50 15.67
N GLU B 80 2.81 -1.33 15.91
CA GLU B 80 1.80 -1.61 14.89
C GLU B 80 2.06 -0.84 13.59
N LYS B 81 2.43 0.43 13.69
CA LYS B 81 2.68 1.23 12.50
C LYS B 81 3.75 0.58 11.61
N ASP B 82 4.83 0.05 12.20
CA ASP B 82 5.88 -0.58 11.36
C ASP B 82 5.45 -1.94 10.82
N VAL B 83 4.66 -2.71 11.58
CA VAL B 83 4.19 -3.99 11.04
C VAL B 83 3.22 -3.72 9.90
N MET B 84 2.32 -2.71 10.07
CA MET B 84 1.40 -2.38 8.97
C MET B 84 2.17 -1.91 7.75
N LEU B 85 3.26 -1.12 7.95
CA LEU B 85 4.09 -0.65 6.86
C LEU B 85 4.71 -1.79 6.09
N LEU B 86 5.25 -2.76 6.82
CA LEU B 86 5.88 -3.91 6.18
C LEU B 86 4.86 -4.61 5.27
N CYS B 87 3.66 -4.85 5.80
CA CYS B 87 2.66 -5.58 5.03
C CYS B 87 2.10 -4.74 3.89
N HIS B 88 1.89 -3.46 4.14
CA HIS B 88 1.39 -2.56 3.09
C HIS B 88 2.45 -2.45 1.98
N ASN B 89 3.75 -2.42 2.34
CA ASN B 89 4.80 -2.39 1.32
C ASN B 89 4.75 -3.67 0.45
N ALA B 90 4.57 -4.84 1.11
CA ALA B 90 4.44 -6.09 0.37
C ALA B 90 3.23 -6.04 -0.58
N GLN B 91 2.12 -5.48 -0.11
CA GLN B 91 0.93 -5.38 -0.98
C GLN B 91 1.17 -4.39 -2.12
N THR B 92 1.97 -3.33 -1.87
CA THR B 92 2.23 -2.37 -2.94
C THR B 92 3.11 -2.98 -4.03
N PHE B 93 4.18 -3.70 -3.65
CA PHE B 93 5.11 -4.23 -4.64
C PHE B 93 4.54 -5.41 -5.42
N ASN B 94 3.75 -6.26 -4.76
CA ASN B 94 3.29 -7.51 -5.36
C ASN B 94 1.92 -7.38 -5.98
N LEU B 95 1.63 -8.31 -6.89
CA LEU B 95 0.32 -8.32 -7.52
C LEU B 95 -0.74 -8.90 -6.59
N GLU B 96 -1.93 -8.32 -6.66
CA GLU B 96 -3.07 -8.80 -5.91
C GLU B 96 -3.29 -10.29 -6.25
N GLY B 97 -3.51 -11.11 -5.25
CA GLY B 97 -3.71 -12.54 -5.49
C GLY B 97 -2.42 -13.35 -5.48
N SER B 98 -1.24 -12.72 -5.49
CA SER B 98 0.01 -13.48 -5.38
C SER B 98 0.17 -13.99 -3.94
N GLN B 99 1.00 -15.00 -3.72
CA GLN B 99 1.13 -15.57 -2.40
C GLN B 99 1.69 -14.54 -1.43
N ILE B 100 2.72 -13.79 -1.85
CA ILE B 100 3.34 -12.85 -0.91
C ILE B 100 2.32 -11.76 -0.53
N TYR B 101 1.57 -11.26 -1.52
CA TYR B 101 0.53 -10.26 -1.27
C TYR B 101 -0.50 -10.81 -0.27
N GLU B 102 -1.01 -12.03 -0.52
CA GLU B 102 -2.04 -12.58 0.39
C GLU B 102 -1.47 -12.92 1.76
N ASP B 103 -0.22 -13.42 1.85
CA ASP B 103 0.35 -13.72 3.16
C ASP B 103 0.46 -12.44 3.99
N SER B 104 0.82 -11.31 3.34
CA SER B 104 0.97 -10.06 4.11
C SER B 104 -0.36 -9.60 4.72
N ILE B 105 -1.50 -9.88 4.05
CA ILE B 105 -2.81 -9.52 4.60
C ILE B 105 -3.07 -10.38 5.82
N VAL B 106 -2.76 -11.69 5.71
CA VAL B 106 -3.01 -12.58 6.86
C VAL B 106 -2.15 -12.09 8.06
N LEU B 107 -0.86 -11.75 7.83
CA LEU B 107 -0.04 -11.30 8.95
C LEU B 107 -0.56 -10.02 9.61
N GLN B 108 -1.26 -9.12 8.85
CA GLN B 108 -1.84 -7.96 9.54
C GLN B 108 -2.92 -8.42 10.52
N SER B 109 -3.71 -9.42 10.15
CA SER B 109 -4.73 -9.94 11.08
C SER B 109 -4.08 -10.63 12.29
N VAL B 110 -3.00 -11.42 12.05
CA VAL B 110 -2.30 -12.09 13.14
C VAL B 110 -1.74 -11.04 14.11
N PHE B 111 -1.13 -9.98 13.57
CA PHE B 111 -0.63 -8.93 14.47
C PHE B 111 -1.77 -8.36 15.31
N LYS B 112 -2.87 -7.96 14.66
CA LYS B 112 -3.95 -7.29 15.38
C LYS B 112 -4.56 -8.18 16.44
N SER B 113 -4.76 -9.45 16.12
CA SER B 113 -5.35 -10.33 17.14
C SER B 113 -4.37 -10.65 18.28
N ALA B 114 -3.07 -10.77 17.98
CA ALA B 114 -2.04 -11.04 18.99
C ALA B 114 -1.94 -9.84 19.94
N ARG B 115 -1.97 -8.62 19.40
CA ARG B 115 -1.94 -7.42 20.22
C ARG B 115 -3.14 -7.41 21.18
N GLN B 116 -4.34 -7.72 20.66
CA GLN B 116 -5.56 -7.75 21.48
C GLN B 116 -5.47 -8.81 22.60
N LYS B 117 -4.94 -10.01 22.29
CA LYS B 117 -4.81 -11.04 23.34
C LYS B 117 -3.79 -10.64 24.41
N ILE B 118 -2.55 -10.38 23.97
CA ILE B 118 -1.41 -10.13 24.85
C ILE B 118 -1.52 -8.83 25.66
N ALA B 119 -1.99 -7.73 25.06
CA ALA B 119 -2.04 -6.42 25.73
C ALA B 119 -3.41 -5.97 26.22
N LYS B 120 -4.51 -6.34 25.55
CA LYS B 120 -5.87 -5.95 25.96
C LYS B 120 -6.66 -7.17 26.44
#